data_8XXI
#
_entry.id   8XXI
#
_cell.length_a   1.00
_cell.length_b   1.00
_cell.length_c   1.00
_cell.angle_alpha   90.00
_cell.angle_beta   90.00
_cell.angle_gamma   90.00
#
_symmetry.space_group_name_H-M   'P 1'
#
loop_
_entity.id
_entity.type
_entity.pdbx_description
1 polymer 'Y+L amino acid transporter 1'
2 non-polymer 'SODIUM ION'
3 non-polymer LEUCINE
#
_entity_poly.entity_id   1
_entity_poly.type   'polypeptide(L)'
_entity_poly.pdbx_seq_one_letter_code
;DYKDDDDKSGPDEVDASGRVDSTEYEVASQPEVETSPLGDGASPGPEQVKLKKEISLLNGVCLIVGNMIGSGIFVSPKGV
LIYSASFGLSLVIWAVGGLFSVFGALCYAELGTTIKKSGASYAYILEAFGGFLAFIRLWTSLLIIEPTSQAIIAITFANY
MVQPLFPSCFAPYAASRLLAAACICLLTFINCAYVKWGTLVQDIFTYAKVLALIAVIVAGIVRLGQGASTHFENSFEGSS
FAVGDIALALYSALFSYSGWDTLNYVTEEIKNPERNLPLSIGISMPIVTIIYILTNVAYYTVLDMRDILASDAVAVTFAD
QIFGIFNWIIPLSVALSCFGGLNASIVAASRLFFVGSREGHLPDAICMIHVERFTPVPSLLFNGIMALIYLCVEDIFQLI
NYYSFSYWFFVGLSIVGQLYLRWKEPDRPRPLKLSVFFPIVFCLCTIFLVAVPLYSDTINSLIGIAIALSGLPFYFLIIR
VPEHKRPLYLRRIVGSATRYLQVLCMSVAAEMDLEDGGEMPKQRDPKSN
;
_entity_poly.pdbx_strand_id   A
#
loop_
_chem_comp.id
_chem_comp.type
_chem_comp.name
_chem_comp.formula
NA non-polymer 'SODIUM ION' 'Na 1'
#
# COMPACT_ATOMS: atom_id res chain seq x y z
N GLU A 47 -22.70 21.02 -13.75
CA GLU A 47 -22.77 20.44 -12.41
C GLU A 47 -21.92 21.28 -11.45
N GLN A 48 -21.12 20.61 -10.63
CA GLN A 48 -20.28 21.27 -9.64
C GLN A 48 -18.94 20.57 -9.61
N VAL A 49 -17.86 21.36 -9.67
CA VAL A 49 -16.50 20.80 -9.69
C VAL A 49 -16.20 20.23 -8.31
N LYS A 50 -16.13 18.91 -8.22
CA LYS A 50 -15.89 18.18 -6.99
C LYS A 50 -15.69 16.72 -7.35
N LEU A 51 -14.77 16.05 -6.67
CA LEU A 51 -14.59 14.63 -6.93
C LEU A 51 -15.85 13.86 -6.58
N LYS A 52 -16.54 13.35 -7.59
CA LYS A 52 -17.76 12.61 -7.40
C LYS A 52 -17.46 11.28 -6.71
N LYS A 53 -18.50 10.61 -6.23
CA LYS A 53 -18.32 9.38 -5.49
C LYS A 53 -17.65 8.31 -6.35
N GLU A 54 -18.36 7.82 -7.37
CA GLU A 54 -17.78 6.98 -8.42
C GLU A 54 -16.97 5.80 -7.89
N ILE A 55 -17.26 5.31 -6.68
CA ILE A 55 -16.66 4.07 -6.19
C ILE A 55 -17.74 3.25 -5.51
N SER A 56 -17.90 2.02 -5.96
CA SER A 56 -18.92 1.11 -5.45
C SER A 56 -18.33 0.30 -4.31
N LEU A 57 -19.03 -0.77 -3.94
CA LEU A 57 -18.46 -1.73 -3.00
C LEU A 57 -17.44 -2.61 -3.69
N LEU A 58 -17.74 -3.02 -4.94
CA LEU A 58 -16.82 -3.87 -5.67
C LEU A 58 -15.52 -3.15 -5.98
N ASN A 59 -15.60 -1.87 -6.33
CA ASN A 59 -14.38 -1.10 -6.57
C ASN A 59 -13.58 -0.92 -5.29
N GLY A 60 -14.24 -0.83 -4.14
CA GLY A 60 -13.52 -0.74 -2.89
C GLY A 60 -12.82 -2.04 -2.53
N VAL A 61 -13.53 -3.15 -2.65
CA VAL A 61 -12.92 -4.45 -2.42
C VAL A 61 -11.74 -4.66 -3.35
N CYS A 62 -11.87 -4.22 -4.61
CA CYS A 62 -10.77 -4.41 -5.55
C CYS A 62 -9.59 -3.49 -5.23
N LEU A 63 -9.85 -2.26 -4.80
CA LEU A 63 -8.77 -1.39 -4.35
C LEU A 63 -8.01 -2.03 -3.20
N ILE A 64 -8.72 -2.46 -2.16
CA ILE A 64 -8.07 -3.02 -0.98
C ILE A 64 -7.32 -4.30 -1.34
N VAL A 65 -7.94 -5.17 -2.13
CA VAL A 65 -7.33 -6.46 -2.46
C VAL A 65 -6.14 -6.29 -3.40
N GLY A 66 -6.27 -5.43 -4.42
CA GLY A 66 -5.17 -5.23 -5.34
C GLY A 66 -4.00 -4.52 -4.70
N ASN A 67 -4.26 -3.62 -3.74
CA ASN A 67 -3.16 -2.98 -3.05
C ASN A 67 -2.57 -3.84 -1.94
N MET A 68 -3.33 -4.78 -1.39
CA MET A 68 -2.80 -5.64 -0.34
C MET A 68 -2.08 -6.85 -0.87
N ILE A 69 -2.54 -7.43 -1.97
CA ILE A 69 -1.89 -8.63 -2.51
C ILE A 69 -0.57 -8.27 -3.17
N GLY A 70 -0.61 -7.42 -4.21
CA GLY A 70 0.61 -6.99 -4.85
C GLY A 70 1.47 -8.15 -5.31
N SER A 71 2.78 -7.97 -5.27
CA SER A 71 3.72 -9.04 -5.59
C SER A 71 4.72 -9.16 -4.44
N GLY A 72 4.28 -9.83 -3.38
CA GLY A 72 5.14 -10.22 -2.29
C GLY A 72 4.66 -11.56 -1.80
N ILE A 73 3.60 -12.04 -2.44
CA ILE A 73 3.16 -13.42 -2.28
C ILE A 73 3.58 -14.28 -3.46
N PHE A 74 3.90 -13.67 -4.60
CA PHE A 74 4.47 -14.41 -5.71
C PHE A 74 5.98 -14.51 -5.61
N VAL A 75 6.63 -13.46 -5.11
CA VAL A 75 8.08 -13.34 -5.24
C VAL A 75 8.78 -13.70 -3.93
N SER A 76 8.40 -13.05 -2.83
CA SER A 76 9.07 -13.25 -1.55
C SER A 76 8.06 -13.53 -0.45
N PRO A 77 7.41 -14.70 -0.50
CA PRO A 77 6.62 -15.16 0.65
C PRO A 77 7.41 -15.98 1.65
N LYS A 78 8.74 -15.93 1.60
CA LYS A 78 9.61 -16.72 2.45
C LYS A 78 10.22 -15.91 3.57
N GLY A 79 9.56 -14.84 3.99
CA GLY A 79 10.03 -14.08 5.14
C GLY A 79 9.56 -14.72 6.43
N VAL A 80 8.38 -15.31 6.39
CA VAL A 80 7.85 -16.02 7.55
C VAL A 80 8.49 -17.39 7.66
N LEU A 81 8.89 -17.98 6.53
CA LEU A 81 9.46 -19.32 6.54
C LEU A 81 10.92 -19.31 6.95
N ILE A 82 11.64 -18.22 6.68
CA ILE A 82 13.04 -18.13 7.09
C ILE A 82 13.15 -18.17 8.61
N TYR A 83 12.32 -17.38 9.29
CA TYR A 83 12.40 -17.21 10.73
C TYR A 83 11.55 -18.21 11.49
N SER A 84 10.75 -19.01 10.80
CA SER A 84 9.97 -20.08 11.42
C SER A 84 10.22 -21.32 10.58
N ALA A 85 11.17 -22.13 11.00
CA ALA A 85 11.77 -23.13 10.12
C ALA A 85 10.85 -24.25 9.78
N SER A 86 9.54 -24.16 10.01
CA SER A 86 8.62 -25.23 9.67
C SER A 86 7.60 -24.74 8.65
N PHE A 87 6.93 -25.70 8.02
CA PHE A 87 5.79 -25.37 7.18
C PHE A 87 4.56 -25.09 8.04
N GLY A 88 4.30 -25.95 9.02
CA GLY A 88 3.15 -25.75 9.88
C GLY A 88 3.24 -24.48 10.70
N LEU A 89 4.41 -24.21 11.27
CA LEU A 89 4.56 -23.00 12.07
C LEU A 89 4.50 -21.75 11.20
N SER A 90 5.03 -21.81 9.98
CA SER A 90 4.91 -20.66 9.09
C SER A 90 3.47 -20.41 8.70
N LEU A 91 2.69 -21.48 8.50
CA LEU A 91 1.26 -21.30 8.21
C LEU A 91 0.53 -20.72 9.41
N VAL A 92 0.85 -21.18 10.62
CA VAL A 92 0.21 -20.63 11.81
C VAL A 92 0.57 -19.16 11.97
N ILE A 93 1.80 -18.78 11.63
CA ILE A 93 2.18 -17.38 11.75
C ILE A 93 1.52 -16.55 10.64
N TRP A 94 1.30 -17.13 9.47
CA TRP A 94 0.50 -16.45 8.45
C TRP A 94 -0.90 -16.18 8.96
N ALA A 95 -1.52 -17.17 9.60
CA ALA A 95 -2.86 -16.98 10.14
C ALA A 95 -2.88 -15.94 11.25
N VAL A 96 -1.87 -15.94 12.12
CA VAL A 96 -1.85 -14.99 13.24
C VAL A 96 -1.60 -13.57 12.73
N GLY A 97 -0.69 -13.41 11.77
CA GLY A 97 -0.49 -12.10 11.18
C GLY A 97 -1.72 -11.61 10.43
N GLY A 98 -2.45 -12.53 9.79
CA GLY A 98 -3.69 -12.15 9.16
C GLY A 98 -4.73 -11.70 10.16
N LEU A 99 -4.77 -12.36 11.33
CA LEU A 99 -5.72 -11.96 12.35
C LEU A 99 -5.39 -10.58 12.92
N PHE A 100 -4.11 -10.31 13.18
CA PHE A 100 -3.75 -9.00 13.69
C PHE A 100 -3.97 -7.92 12.63
N SER A 101 -3.76 -8.24 11.36
CA SER A 101 -4.08 -7.27 10.31
C SER A 101 -5.57 -7.05 10.21
N VAL A 102 -6.37 -8.08 10.49
CA VAL A 102 -7.82 -7.91 10.56
C VAL A 102 -8.18 -6.95 11.68
N PHE A 103 -7.50 -7.06 12.82
CA PHE A 103 -7.73 -6.10 13.90
C PHE A 103 -7.41 -4.68 13.46
N GLY A 104 -6.26 -4.48 12.82
CA GLY A 104 -5.91 -3.15 12.34
C GLY A 104 -6.89 -2.62 11.32
N ALA A 105 -7.38 -3.49 10.43
CA ALA A 105 -8.32 -3.06 9.41
C ALA A 105 -9.68 -2.73 10.00
N LEU A 106 -10.09 -3.42 11.06
CA LEU A 106 -11.31 -3.04 11.75
C LEU A 106 -11.13 -1.68 12.43
N CYS A 107 -9.97 -1.44 13.03
CA CYS A 107 -9.68 -0.10 13.54
C CYS A 107 -9.85 0.96 12.46
N TYR A 108 -9.30 0.69 11.27
CA TYR A 108 -9.34 1.71 10.22
C TYR A 108 -10.73 1.84 9.61
N ALA A 109 -11.54 0.79 9.62
CA ALA A 109 -12.93 0.92 9.20
C ALA A 109 -13.70 1.82 10.17
N GLU A 110 -13.50 1.61 11.47
CA GLU A 110 -14.09 2.51 12.45
C GLU A 110 -13.65 3.94 12.23
N LEU A 111 -12.35 4.15 12.02
CA LEU A 111 -11.83 5.50 11.84
C LEU A 111 -12.38 6.14 10.58
N GLY A 112 -12.49 5.37 9.49
CA GLY A 112 -12.95 5.93 8.24
C GLY A 112 -14.42 6.27 8.26
N THR A 113 -15.22 5.52 9.00
CA THR A 113 -16.62 5.90 9.15
C THR A 113 -16.79 7.03 10.16
N THR A 114 -15.82 7.21 11.07
CA THR A 114 -15.91 8.30 12.02
C THR A 114 -15.53 9.64 11.40
N ILE A 115 -14.35 9.70 10.78
CA ILE A 115 -13.81 10.98 10.33
C ILE A 115 -14.29 11.31 8.93
N LYS A 116 -14.22 10.35 8.01
CA LYS A 116 -14.86 10.46 6.70
C LYS A 116 -14.19 11.48 5.79
N LYS A 117 -12.86 11.59 5.87
CA LYS A 117 -12.08 12.45 5.01
C LYS A 117 -11.00 11.63 4.30
N SER A 118 -10.71 12.00 3.07
CA SER A 118 -9.71 11.28 2.30
C SER A 118 -8.32 11.48 2.87
N GLY A 119 -7.45 10.51 2.65
CA GLY A 119 -6.15 10.48 3.30
C GLY A 119 -6.21 9.58 4.50
N ALA A 120 -5.62 8.39 4.41
CA ALA A 120 -5.85 7.36 5.41
C ALA A 120 -5.42 7.82 6.79
N SER A 121 -4.11 7.90 7.03
CA SER A 121 -3.66 8.29 8.37
C SER A 121 -3.45 9.79 8.47
N TYR A 122 -3.30 10.47 7.34
CA TYR A 122 -3.13 11.92 7.38
C TYR A 122 -4.36 12.59 7.94
N ALA A 123 -5.55 12.19 7.50
CA ALA A 123 -6.79 12.78 7.97
C ALA A 123 -7.17 12.34 9.37
N TYR A 124 -6.53 11.30 9.90
CA TYR A 124 -6.80 10.81 11.25
C TYR A 124 -5.79 11.31 12.26
N ILE A 125 -4.57 11.61 11.81
CA ILE A 125 -3.63 12.34 12.65
C ILE A 125 -3.99 13.82 12.68
N LEU A 126 -4.58 14.32 11.59
CA LEU A 126 -4.95 15.73 11.54
C LEU A 126 -6.22 16.00 12.34
N GLU A 127 -7.01 14.97 12.60
CA GLU A 127 -8.26 15.15 13.34
C GLU A 127 -8.05 15.11 14.85
N ALA A 128 -7.39 14.09 15.37
CA ALA A 128 -7.11 14.00 16.80
C ALA A 128 -5.96 14.91 17.21
N PHE A 129 -4.78 14.67 16.66
CA PHE A 129 -3.67 15.62 16.76
C PHE A 129 -3.86 16.65 15.65
N GLY A 130 -2.85 17.46 15.35
CA GLY A 130 -3.11 18.42 14.29
C GLY A 130 -1.90 19.16 13.73
N GLY A 131 -1.97 19.53 12.46
CA GLY A 131 -0.89 20.26 11.85
C GLY A 131 0.39 19.47 11.88
N PHE A 132 1.28 19.82 12.80
CA PHE A 132 2.42 18.98 13.15
C PHE A 132 1.96 17.55 13.37
N LEU A 133 2.78 16.59 12.98
CA LEU A 133 2.50 15.15 12.99
C LEU A 133 1.54 14.74 11.88
N ALA A 134 0.89 15.72 11.24
CA ALA A 134 0.14 15.42 10.02
C ALA A 134 0.87 15.94 8.81
N PHE A 135 1.52 17.10 8.94
CA PHE A 135 2.40 17.54 7.88
C PHE A 135 3.60 16.63 7.74
N ILE A 136 4.12 16.14 8.86
CA ILE A 136 5.31 15.29 8.82
C ILE A 136 4.99 13.99 8.09
N ARG A 137 3.84 13.39 8.42
CA ARG A 137 3.45 12.14 7.77
C ARG A 137 3.19 12.39 6.30
N LEU A 138 2.49 13.47 5.99
CA LEU A 138 2.20 13.80 4.60
C LEU A 138 3.50 14.01 3.86
N TRP A 139 4.43 14.74 4.46
CA TRP A 139 5.71 14.99 3.82
C TRP A 139 6.45 13.69 3.63
N THR A 140 6.49 12.87 4.67
CA THR A 140 7.16 11.58 4.58
C THR A 140 6.63 10.83 3.37
N SER A 141 5.31 10.75 3.27
CA SER A 141 4.70 10.08 2.14
C SER A 141 5.10 10.74 0.83
N LEU A 142 5.27 12.06 0.84
CA LEU A 142 5.58 12.78 -0.38
C LEU A 142 7.03 12.53 -0.81
N LEU A 143 7.96 12.58 0.14
CA LEU A 143 9.37 12.51 -0.20
C LEU A 143 9.82 11.08 -0.47
N ILE A 144 9.54 10.16 0.44
CA ILE A 144 10.13 8.82 0.37
C ILE A 144 9.08 7.74 0.13
N ILE A 145 7.99 7.71 0.90
CA ILE A 145 7.15 6.51 0.96
C ILE A 145 6.46 6.27 -0.38
N GLU A 146 5.66 7.23 -0.85
CA GLU A 146 4.87 6.99 -2.04
C GLU A 146 5.71 6.91 -3.31
N PRO A 147 6.65 7.83 -3.58
CA PRO A 147 7.47 7.66 -4.79
C PRO A 147 8.25 6.37 -4.81
N THR A 148 8.85 5.97 -3.70
CA THR A 148 9.60 4.72 -3.65
C THR A 148 8.67 3.53 -3.87
N SER A 149 7.56 3.50 -3.15
CA SER A 149 6.63 2.39 -3.28
C SER A 149 6.24 2.22 -4.74
N GLN A 150 5.74 3.29 -5.35
CA GLN A 150 5.31 3.22 -6.73
C GLN A 150 6.44 2.81 -7.67
N ALA A 151 7.58 3.51 -7.58
CA ALA A 151 8.69 3.21 -8.49
C ALA A 151 9.11 1.76 -8.38
N ILE A 152 9.08 1.19 -7.18
CA ILE A 152 9.48 -0.20 -7.00
C ILE A 152 8.43 -1.13 -7.60
N ILE A 153 7.14 -0.80 -7.43
CA ILE A 153 6.10 -1.60 -8.05
C ILE A 153 6.23 -1.54 -9.57
N ALA A 154 6.57 -0.38 -10.11
CA ALA A 154 6.73 -0.27 -11.56
C ALA A 154 7.94 -1.05 -12.05
N ILE A 155 9.05 -0.99 -11.33
CA ILE A 155 10.24 -1.73 -11.73
C ILE A 155 9.98 -3.23 -11.65
N THR A 156 9.22 -3.68 -10.65
CA THR A 156 8.88 -5.10 -10.57
C THR A 156 7.96 -5.52 -11.71
N PHE A 157 7.01 -4.67 -12.08
CA PHE A 157 6.20 -4.93 -13.26
C PHE A 157 7.07 -5.11 -14.49
N ALA A 158 8.02 -4.20 -14.70
CA ALA A 158 8.89 -4.28 -15.86
C ALA A 158 9.73 -5.55 -15.84
N ASN A 159 10.29 -5.88 -14.68
CA ASN A 159 11.10 -7.09 -14.54
C ASN A 159 10.31 -8.32 -14.89
N TYR A 160 9.11 -8.47 -14.35
CA TYR A 160 8.35 -9.67 -14.61
C TYR A 160 7.59 -9.64 -15.93
N MET A 161 7.59 -8.50 -16.63
CA MET A 161 7.12 -8.50 -18.01
C MET A 161 8.21 -9.02 -18.94
N VAL A 162 9.46 -8.56 -18.75
CA VAL A 162 10.56 -9.05 -19.58
C VAL A 162 11.20 -10.32 -19.04
N GLN A 163 10.67 -10.89 -17.96
CA GLN A 163 11.24 -12.12 -17.42
C GLN A 163 11.09 -13.34 -18.33
N PRO A 164 9.92 -13.66 -18.90
CA PRO A 164 9.84 -14.89 -19.71
C PRO A 164 10.88 -15.01 -20.80
N LEU A 165 11.47 -13.90 -21.26
CA LEU A 165 12.56 -13.93 -22.22
C LEU A 165 13.91 -13.63 -21.57
N PHE A 166 13.96 -13.57 -20.24
CA PHE A 166 15.22 -13.42 -19.50
C PHE A 166 15.15 -14.24 -18.22
N PRO A 167 14.98 -15.55 -18.33
CA PRO A 167 14.72 -16.34 -17.12
C PRO A 167 15.94 -16.54 -16.26
N SER A 168 17.10 -16.77 -16.86
CA SER A 168 18.35 -16.97 -16.14
C SER A 168 19.21 -15.71 -16.08
N CYS A 169 19.38 -15.03 -17.21
CA CYS A 169 20.20 -13.83 -17.28
C CYS A 169 19.48 -12.68 -16.58
N PHE A 170 20.18 -11.56 -16.42
CA PHE A 170 19.58 -10.36 -15.85
C PHE A 170 18.87 -9.57 -16.95
N ALA A 171 17.69 -9.07 -16.62
CA ALA A 171 17.02 -8.14 -17.52
C ALA A 171 17.80 -6.83 -17.57
N PRO A 172 17.80 -6.16 -18.71
CA PRO A 172 18.57 -4.91 -18.82
C PRO A 172 18.06 -3.86 -17.86
N TYR A 173 18.97 -3.00 -17.39
CA TYR A 173 18.59 -1.95 -16.47
C TYR A 173 17.83 -0.84 -17.21
N ALA A 174 18.33 -0.43 -18.37
CA ALA A 174 17.66 0.61 -19.13
C ALA A 174 16.27 0.18 -19.57
N ALA A 175 16.13 -1.07 -20.02
CA ALA A 175 14.83 -1.55 -20.46
C ALA A 175 13.85 -1.64 -19.29
N SER A 176 14.32 -2.13 -18.14
CA SER A 176 13.46 -2.18 -16.96
C SER A 176 13.00 -0.80 -16.56
N ARG A 177 13.91 0.18 -16.54
CA ARG A 177 13.53 1.53 -16.14
C ARG A 177 12.61 2.18 -17.15
N LEU A 178 12.80 1.90 -18.44
CA LEU A 178 11.94 2.51 -19.45
C LEU A 178 10.54 1.91 -19.41
N LEU A 179 10.43 0.60 -19.20
CA LEU A 179 9.09 0.02 -19.02
C LEU A 179 8.44 0.47 -17.72
N ALA A 180 9.21 0.65 -16.65
CA ALA A 180 8.64 1.17 -15.41
C ALA A 180 8.13 2.59 -15.60
N ALA A 181 8.90 3.43 -16.29
CA ALA A 181 8.45 4.79 -16.57
C ALA A 181 7.22 4.79 -17.47
N ALA A 182 7.19 3.91 -18.46
CA ALA A 182 6.03 3.85 -19.34
C ALA A 182 4.79 3.41 -18.58
N CYS A 183 4.94 2.49 -17.64
CA CYS A 183 3.81 2.04 -16.84
C CYS A 183 3.31 3.13 -15.90
N ILE A 184 4.24 3.85 -15.25
CA ILE A 184 3.84 4.95 -14.38
C ILE A 184 3.13 6.04 -15.18
N CYS A 185 3.66 6.37 -16.36
CA CYS A 185 3.04 7.40 -17.19
C CYS A 185 1.66 6.96 -17.65
N LEU A 186 1.51 5.72 -18.08
CA LEU A 186 0.22 5.23 -18.55
C LEU A 186 -0.80 5.21 -17.43
N LEU A 187 -0.41 4.78 -16.24
CA LEU A 187 -1.35 4.73 -15.14
C LEU A 187 -1.72 6.12 -14.65
N THR A 188 -0.76 7.03 -14.58
CA THR A 188 -1.07 8.40 -14.20
C THR A 188 -1.99 9.04 -15.22
N PHE A 189 -1.81 8.75 -16.51
CA PHE A 189 -2.71 9.31 -17.51
C PHE A 189 -4.10 8.70 -17.42
N ILE A 190 -4.19 7.39 -17.21
CA ILE A 190 -5.49 6.72 -17.10
C ILE A 190 -6.26 7.28 -15.91
N ASN A 191 -5.55 7.59 -14.82
CA ASN A 191 -6.22 8.16 -13.66
C ASN A 191 -6.48 9.66 -13.81
N CYS A 192 -5.71 10.33 -14.66
CA CYS A 192 -5.96 11.73 -15.00
C CYS A 192 -7.12 11.91 -15.96
N ALA A 193 -7.42 10.90 -16.76
CA ALA A 193 -8.49 11.00 -17.76
C ALA A 193 -9.85 10.90 -17.09
N TYR A 194 -10.14 9.77 -16.46
CA TYR A 194 -11.39 9.56 -15.74
C TYR A 194 -11.11 8.75 -14.49
N VAL A 195 -11.95 8.94 -13.47
CA VAL A 195 -11.82 8.13 -12.26
C VAL A 195 -12.34 6.72 -12.51
N LYS A 196 -13.41 6.60 -13.30
CA LYS A 196 -13.96 5.28 -13.59
C LYS A 196 -12.95 4.43 -14.35
N TRP A 197 -12.07 5.05 -15.13
CA TRP A 197 -11.00 4.30 -15.79
C TRP A 197 -10.03 3.73 -14.76
N GLY A 198 -9.68 4.53 -13.75
CA GLY A 198 -8.79 4.03 -12.71
C GLY A 198 -9.40 2.88 -11.94
N THR A 199 -10.67 3.00 -11.57
CA THR A 199 -11.33 1.91 -10.87
C THR A 199 -11.51 0.70 -11.78
N LEU A 200 -11.68 0.92 -13.08
CA LEU A 200 -11.84 -0.19 -14.01
C LEU A 200 -10.53 -0.95 -14.18
N VAL A 201 -9.42 -0.24 -14.33
CA VAL A 201 -8.11 -0.89 -14.40
C VAL A 201 -7.84 -1.65 -13.11
N GLN A 202 -8.17 -1.03 -11.97
CA GLN A 202 -7.96 -1.70 -10.70
C GLN A 202 -8.77 -2.98 -10.61
N ASP A 203 -10.04 -2.94 -11.03
CA ASP A 203 -10.88 -4.12 -10.99
C ASP A 203 -10.35 -5.22 -11.90
N ILE A 204 -9.97 -4.87 -13.12
CA ILE A 204 -9.49 -5.87 -14.08
C ILE A 204 -8.25 -6.56 -13.54
N PHE A 205 -7.29 -5.77 -13.05
CA PHE A 205 -6.04 -6.39 -12.63
C PHE A 205 -6.13 -7.04 -11.27
N THR A 206 -7.13 -6.67 -10.45
CA THR A 206 -7.40 -7.44 -9.25
C THR A 206 -8.03 -8.79 -9.58
N TYR A 207 -8.92 -8.83 -10.57
CA TYR A 207 -9.40 -10.12 -11.06
C TYR A 207 -8.26 -10.97 -11.58
N ALA A 208 -7.31 -10.36 -12.28
CA ALA A 208 -6.15 -11.11 -12.77
C ALA A 208 -5.31 -11.65 -11.62
N LYS A 209 -5.02 -10.81 -10.61
CA LYS A 209 -4.33 -11.27 -9.42
C LYS A 209 -5.01 -12.50 -8.83
N VAL A 210 -6.30 -12.39 -8.53
CA VAL A 210 -6.96 -13.45 -7.78
C VAL A 210 -7.13 -14.69 -8.64
N LEU A 211 -7.21 -14.53 -9.97
CA LEU A 211 -7.29 -15.72 -10.81
C LEU A 211 -5.95 -16.45 -10.87
N ALA A 212 -4.84 -15.70 -10.93
CA ALA A 212 -3.54 -16.34 -10.86
C ALA A 212 -3.34 -17.05 -9.52
N LEU A 213 -3.72 -16.37 -8.43
CA LEU A 213 -3.54 -16.98 -7.12
C LEU A 213 -4.48 -18.15 -6.90
N ILE A 214 -5.65 -18.12 -7.54
CA ILE A 214 -6.54 -19.27 -7.48
C ILE A 214 -5.99 -20.42 -8.31
N ALA A 215 -5.31 -20.12 -9.41
CA ALA A 215 -4.61 -21.18 -10.16
C ALA A 215 -3.54 -21.83 -9.29
N VAL A 216 -2.74 -21.01 -8.60
CA VAL A 216 -1.71 -21.56 -7.72
C VAL A 216 -2.35 -22.40 -6.60
N ILE A 217 -3.40 -21.88 -5.98
CA ILE A 217 -4.03 -22.58 -4.86
C ILE A 217 -4.65 -23.88 -5.32
N VAL A 218 -5.26 -23.87 -6.51
CA VAL A 218 -5.89 -25.08 -7.02
C VAL A 218 -4.85 -26.12 -7.39
N ALA A 219 -3.73 -25.68 -7.97
CA ALA A 219 -2.64 -26.62 -8.26
C ALA A 219 -2.11 -27.25 -6.98
N GLY A 220 -1.92 -26.43 -5.94
CA GLY A 220 -1.44 -26.97 -4.67
C GLY A 220 -2.42 -27.94 -4.03
N ILE A 221 -3.71 -27.58 -4.01
CA ILE A 221 -4.70 -28.45 -3.40
C ILE A 221 -4.87 -29.73 -4.20
N VAL A 222 -4.71 -29.65 -5.53
CA VAL A 222 -4.77 -30.88 -6.33
C VAL A 222 -3.57 -31.76 -6.06
N ARG A 223 -2.38 -31.18 -5.92
CA ARG A 223 -1.21 -31.97 -5.54
C ARG A 223 -1.43 -32.64 -4.19
N LEU A 224 -2.06 -31.94 -3.25
CA LEU A 224 -2.41 -32.56 -1.98
C LEU A 224 -3.42 -33.68 -2.16
N GLY A 225 -4.38 -33.49 -3.06
CA GLY A 225 -5.45 -34.47 -3.22
C GLY A 225 -5.04 -35.71 -3.98
N GLN A 226 -3.99 -35.62 -4.79
CA GLN A 226 -3.51 -36.82 -5.48
C GLN A 226 -2.84 -37.79 -4.52
N GLY A 227 -2.35 -37.28 -3.39
CA GLY A 227 -1.77 -38.14 -2.37
C GLY A 227 -0.34 -37.79 -2.02
N ALA A 228 0.31 -36.98 -2.86
CA ALA A 228 1.72 -36.65 -2.66
C ALA A 228 1.92 -35.46 -1.74
N SER A 229 1.35 -35.50 -0.54
CA SER A 229 1.57 -34.43 0.41
C SER A 229 3.04 -34.38 0.83
N THR A 230 3.47 -35.37 1.61
CA THR A 230 4.87 -35.64 1.91
C THR A 230 5.61 -34.45 2.52
N HIS A 231 4.92 -33.34 2.72
CA HIS A 231 5.54 -32.13 3.24
C HIS A 231 4.85 -31.72 4.54
N PHE A 232 3.53 -31.89 4.57
CA PHE A 232 2.77 -31.79 5.79
C PHE A 232 2.62 -33.14 6.48
N GLU A 233 3.36 -34.15 6.03
CA GLU A 233 3.29 -35.46 6.65
C GLU A 233 3.75 -35.40 8.10
N ASN A 234 4.89 -34.77 8.35
CA ASN A 234 5.43 -34.63 9.70
C ASN A 234 5.94 -33.21 9.91
N SER A 235 5.11 -32.22 9.56
CA SER A 235 5.46 -30.82 9.79
C SER A 235 5.55 -30.54 11.29
N PHE A 236 5.85 -29.28 11.61
CA PHE A 236 6.08 -28.85 12.99
C PHE A 236 7.26 -29.62 13.60
N GLU A 237 8.26 -29.87 12.76
CA GLU A 237 9.42 -30.67 13.16
C GLU A 237 10.67 -29.83 13.35
N GLY A 238 11.08 -29.08 12.34
CA GLY A 238 12.20 -28.18 12.49
C GLY A 238 11.83 -26.83 13.06
N SER A 239 10.65 -26.69 13.65
CA SER A 239 10.11 -25.41 14.08
C SER A 239 11.06 -24.73 15.06
N SER A 240 11.38 -23.47 14.78
CA SER A 240 12.13 -22.67 15.74
C SER A 240 11.18 -21.97 16.70
N PHE A 241 11.36 -22.24 17.98
CA PHE A 241 10.52 -21.65 19.04
C PHE A 241 11.42 -20.75 19.87
N ALA A 242 11.59 -19.51 19.40
CA ALA A 242 12.38 -18.52 20.10
C ALA A 242 11.70 -17.17 19.90
N VAL A 243 11.66 -16.37 20.96
CA VAL A 243 10.93 -15.11 20.92
C VAL A 243 11.50 -14.21 19.82
N GLY A 244 12.80 -14.34 19.54
CA GLY A 244 13.39 -13.53 18.48
C GLY A 244 12.91 -13.94 17.11
N ASP A 245 13.01 -15.24 16.79
CA ASP A 245 12.65 -15.70 15.46
C ASP A 245 11.13 -15.70 15.26
N ILE A 246 10.37 -16.01 16.31
CA ILE A 246 8.91 -15.91 16.18
C ILE A 246 8.47 -14.46 16.09
N ALA A 247 9.13 -13.55 16.80
CA ALA A 247 8.80 -12.14 16.67
C ALA A 247 9.12 -11.63 15.27
N LEU A 248 10.25 -12.07 14.70
CA LEU A 248 10.58 -11.63 13.34
C LEU A 248 9.67 -12.27 12.31
N ALA A 249 9.21 -13.51 12.54
CA ALA A 249 8.24 -14.10 11.63
C ALA A 249 6.90 -13.37 11.68
N LEU A 250 6.46 -13.01 12.89
CA LEU A 250 5.25 -12.21 13.01
C LEU A 250 5.42 -10.85 12.35
N TYR A 251 6.61 -10.27 12.46
CA TYR A 251 6.89 -9.00 11.81
C TYR A 251 6.77 -9.12 10.30
N SER A 252 7.34 -10.18 9.72
CA SER A 252 7.25 -10.36 8.27
C SER A 252 5.81 -10.64 7.84
N ALA A 253 5.06 -11.40 8.64
CA ALA A 253 3.66 -11.67 8.33
C ALA A 253 2.84 -10.39 8.35
N LEU A 254 3.04 -9.55 9.37
CA LEU A 254 2.30 -8.30 9.46
C LEU A 254 2.74 -7.32 8.38
N PHE A 255 3.99 -7.44 7.91
CA PHE A 255 4.43 -6.63 6.78
C PHE A 255 3.82 -7.11 5.48
N SER A 256 3.42 -8.38 5.40
CA SER A 256 2.86 -8.91 4.16
C SER A 256 1.47 -8.33 3.90
N TYR A 257 0.67 -8.16 4.95
CA TYR A 257 -0.65 -7.51 4.86
C TYR A 257 -0.45 -6.03 5.14
N SER A 258 -0.32 -5.22 4.09
CA SER A 258 -0.17 -3.78 4.29
C SER A 258 -1.05 -2.95 3.37
N GLY A 259 -2.18 -3.50 2.93
CA GLY A 259 -3.03 -2.78 2.01
C GLY A 259 -4.48 -2.63 2.41
N TRP A 260 -4.74 -2.48 3.71
CA TRP A 260 -6.11 -2.36 4.19
C TRP A 260 -6.54 -0.91 4.41
N ASP A 261 -5.59 0.02 4.42
CA ASP A 261 -5.93 1.44 4.57
C ASP A 261 -6.12 2.07 3.20
N THR A 262 -5.95 1.27 2.15
CA THR A 262 -6.10 1.78 0.79
C THR A 262 -7.38 2.58 0.62
N LEU A 263 -8.52 1.94 0.84
CA LEU A 263 -9.79 2.60 0.62
C LEU A 263 -10.01 3.75 1.60
N ASN A 264 -9.16 3.86 2.62
CA ASN A 264 -9.25 4.99 3.52
C ASN A 264 -8.59 6.23 2.95
N TYR A 265 -7.89 6.10 1.83
CA TYR A 265 -7.40 7.27 1.10
C TYR A 265 -8.50 7.85 0.24
N VAL A 266 -9.17 7.02 -0.55
CA VAL A 266 -10.34 7.44 -1.30
C VAL A 266 -11.60 7.15 -0.52
N THR A 267 -11.93 7.98 0.47
CA THR A 267 -13.14 7.76 1.25
C THR A 267 -14.11 8.92 1.23
N GLU A 268 -13.74 10.07 0.69
CA GLU A 268 -14.72 11.06 0.28
C GLU A 268 -15.31 10.71 -1.09
N GLU A 269 -14.79 9.66 -1.72
CA GLU A 269 -15.20 9.23 -3.04
C GLU A 269 -15.74 7.81 -3.01
N ILE A 270 -16.57 7.48 -2.04
CA ILE A 270 -17.24 6.19 -1.96
C ILE A 270 -18.73 6.43 -2.00
N LYS A 271 -19.46 5.53 -2.67
CA LYS A 271 -20.88 5.77 -2.92
C LYS A 271 -21.67 5.79 -1.62
N ASN A 272 -21.16 5.17 -0.57
CA ASN A 272 -21.85 5.14 0.73
C ASN A 272 -20.83 4.77 1.79
N PRO A 273 -20.00 5.74 2.21
CA PRO A 273 -18.83 5.38 3.04
C PRO A 273 -19.20 4.69 4.33
N GLU A 274 -20.23 5.17 5.03
CA GLU A 274 -20.71 4.59 6.27
C GLU A 274 -21.09 3.13 6.16
N ARG A 275 -21.22 2.61 4.95
CA ARG A 275 -21.59 1.23 4.72
C ARG A 275 -20.63 0.50 3.79
N ASN A 276 -19.95 1.21 2.91
CA ASN A 276 -19.05 0.60 1.94
C ASN A 276 -17.59 0.66 2.37
N LEU A 277 -17.25 1.39 3.43
CA LEU A 277 -15.91 1.26 4.00
C LEU A 277 -15.81 0.06 4.94
N PRO A 278 -16.67 -0.10 5.95
CA PRO A 278 -16.56 -1.31 6.78
C PRO A 278 -16.83 -2.56 6.00
N LEU A 279 -17.82 -2.55 5.11
CA LEU A 279 -18.16 -3.76 4.37
C LEU A 279 -17.05 -4.13 3.40
N SER A 280 -16.48 -3.15 2.71
CA SER A 280 -15.38 -3.44 1.79
C SER A 280 -14.18 -3.98 2.54
N ILE A 281 -13.84 -3.39 3.68
CA ILE A 281 -12.67 -3.85 4.43
C ILE A 281 -12.93 -5.25 4.98
N GLY A 282 -14.14 -5.52 5.47
CA GLY A 282 -14.45 -6.82 6.02
C GLY A 282 -14.73 -7.88 4.97
N ILE A 283 -14.87 -7.47 3.72
CA ILE A 283 -14.91 -8.44 2.64
C ILE A 283 -13.51 -8.72 2.12
N SER A 284 -12.64 -7.72 2.16
CA SER A 284 -11.32 -7.87 1.57
C SER A 284 -10.33 -8.54 2.53
N MET A 285 -10.56 -8.40 3.83
CA MET A 285 -9.63 -9.05 4.77
C MET A 285 -9.72 -10.56 4.73
N PRO A 286 -10.90 -11.20 4.80
CA PRO A 286 -10.93 -12.66 4.66
C PRO A 286 -10.38 -13.15 3.34
N ILE A 287 -10.68 -12.45 2.25
CA ILE A 287 -10.20 -12.87 0.93
C ILE A 287 -8.68 -12.90 0.91
N VAL A 288 -8.04 -11.82 1.34
CA VAL A 288 -6.58 -11.75 1.28
C VAL A 288 -5.96 -12.72 2.26
N THR A 289 -6.54 -12.86 3.46
CA THR A 289 -5.99 -13.79 4.44
C THR A 289 -6.04 -15.23 3.94
N ILE A 290 -7.21 -15.65 3.44
CA ILE A 290 -7.36 -17.02 2.95
C ILE A 290 -6.49 -17.24 1.73
N ILE A 291 -6.36 -16.23 0.87
CA ILE A 291 -5.51 -16.38 -0.31
C ILE A 291 -4.06 -16.55 0.10
N TYR A 292 -3.60 -15.80 1.09
CA TYR A 292 -2.22 -15.93 1.54
C TYR A 292 -1.97 -17.31 2.14
N ILE A 293 -2.87 -17.74 3.02
CA ILE A 293 -2.69 -19.04 3.67
C ILE A 293 -2.71 -20.17 2.65
N LEU A 294 -3.67 -20.15 1.72
CA LEU A 294 -3.79 -21.23 0.77
C LEU A 294 -2.69 -21.20 -0.28
N THR A 295 -2.21 -20.02 -0.65
CA THR A 295 -1.10 -19.92 -1.58
C THR A 295 0.17 -20.46 -0.95
N ASN A 296 0.39 -20.17 0.32
CA ASN A 296 1.55 -20.77 1.00
C ASN A 296 1.38 -22.27 1.15
N VAL A 297 0.15 -22.74 1.37
CA VAL A 297 -0.09 -24.17 1.40
C VAL A 297 0.28 -24.79 0.07
N ALA A 298 -0.05 -24.12 -1.03
CA ALA A 298 0.31 -24.63 -2.35
C ALA A 298 1.83 -24.67 -2.55
N TYR A 299 2.51 -23.58 -2.20
CA TYR A 299 3.97 -23.56 -2.28
C TYR A 299 4.57 -24.71 -1.48
N TYR A 300 4.13 -24.88 -0.24
CA TYR A 300 4.71 -25.90 0.63
C TYR A 300 4.34 -27.29 0.16
N THR A 301 3.22 -27.43 -0.55
CA THR A 301 2.84 -28.72 -1.10
C THR A 301 3.73 -29.11 -2.26
N VAL A 302 4.04 -28.17 -3.13
CA VAL A 302 4.85 -28.48 -4.31
C VAL A 302 6.34 -28.37 -4.01
N LEU A 303 6.78 -27.27 -3.40
CA LEU A 303 8.20 -27.04 -3.16
C LEU A 303 8.58 -27.44 -1.75
N ASP A 304 9.73 -28.11 -1.60
CA ASP A 304 10.27 -28.32 -0.27
C ASP A 304 10.98 -27.06 0.21
N MET A 305 11.37 -27.04 1.48
CA MET A 305 11.94 -25.80 2.02
C MET A 305 13.18 -25.36 1.25
N ARG A 306 14.09 -26.29 1.01
CA ARG A 306 15.27 -25.97 0.25
C ARG A 306 14.86 -25.29 -1.05
N ASP A 307 13.95 -25.92 -1.78
CA ASP A 307 13.51 -25.37 -3.05
C ASP A 307 12.48 -24.27 -2.85
N ILE A 308 12.55 -23.56 -1.73
CA ILE A 308 11.63 -22.44 -1.59
C ILE A 308 12.27 -21.25 -0.91
N LEU A 309 13.38 -21.43 -0.19
CA LEU A 309 14.14 -20.33 0.39
C LEU A 309 15.30 -19.89 -0.47
N ALA A 310 15.75 -20.74 -1.39
CA ALA A 310 16.78 -20.40 -2.36
C ALA A 310 16.19 -19.90 -3.68
N SER A 311 14.92 -19.52 -3.68
CA SER A 311 14.21 -19.11 -4.88
C SER A 311 14.11 -17.59 -4.91
N ASP A 312 14.44 -17.00 -6.07
CA ASP A 312 14.31 -15.55 -6.22
C ASP A 312 12.86 -15.12 -6.44
N ALA A 313 11.99 -16.03 -6.90
CA ALA A 313 10.58 -15.74 -7.07
C ALA A 313 9.85 -17.05 -6.86
N VAL A 314 9.24 -17.23 -5.68
CA VAL A 314 8.61 -18.52 -5.36
C VAL A 314 7.56 -18.97 -6.37
N ALA A 315 6.61 -18.09 -6.71
CA ALA A 315 5.55 -18.47 -7.63
C ALA A 315 6.15 -18.95 -8.95
N VAL A 316 7.19 -18.27 -9.41
CA VAL A 316 7.82 -18.66 -10.67
C VAL A 316 8.35 -20.08 -10.59
N THR A 317 9.09 -20.39 -9.53
CA THR A 317 9.60 -21.74 -9.35
C THR A 317 8.44 -22.69 -9.29
N PHE A 318 7.44 -22.36 -8.48
CA PHE A 318 6.24 -23.19 -8.39
C PHE A 318 5.75 -23.47 -9.80
N ALA A 319 5.71 -22.43 -10.63
CA ALA A 319 5.24 -22.58 -11.98
C ALA A 319 6.16 -23.47 -12.81
N ASP A 320 7.47 -23.25 -12.72
CA ASP A 320 8.40 -24.09 -13.47
C ASP A 320 8.29 -25.54 -13.06
N GLN A 321 7.98 -25.80 -11.79
CA GLN A 321 7.96 -27.18 -11.29
C GLN A 321 6.62 -27.87 -11.48
N ILE A 322 5.51 -27.15 -11.61
CA ILE A 322 4.21 -27.81 -11.75
C ILE A 322 3.56 -27.60 -13.11
N PHE A 323 3.79 -26.49 -13.81
CA PHE A 323 3.10 -26.23 -15.06
C PHE A 323 3.83 -26.77 -16.28
N GLY A 324 5.16 -26.91 -16.22
CA GLY A 324 5.92 -27.26 -17.39
C GLY A 324 5.98 -26.05 -18.30
N ILE A 325 5.61 -26.21 -19.58
CA ILE A 325 5.29 -25.02 -20.35
C ILE A 325 3.97 -24.46 -19.85
N PHE A 326 3.72 -23.19 -20.18
CA PHE A 326 2.73 -22.34 -19.49
C PHE A 326 3.24 -21.94 -18.10
N ASN A 327 4.55 -22.04 -17.89
CA ASN A 327 5.16 -21.49 -16.69
C ASN A 327 5.37 -19.98 -16.80
N TRP A 328 5.23 -19.43 -18.01
CA TRP A 328 5.27 -18.00 -18.25
C TRP A 328 4.00 -17.30 -17.78
N ILE A 329 2.96 -18.05 -17.46
CA ILE A 329 1.72 -17.45 -16.97
C ILE A 329 1.96 -16.75 -15.63
N ILE A 330 2.87 -17.30 -14.83
CA ILE A 330 3.06 -16.77 -13.48
C ILE A 330 3.89 -15.49 -13.45
N PRO A 331 4.98 -15.36 -14.22
CA PRO A 331 5.63 -14.03 -14.28
C PRO A 331 4.76 -12.98 -14.94
N LEU A 332 3.99 -13.34 -15.97
CA LEU A 332 3.02 -12.41 -16.52
C LEU A 332 1.99 -12.02 -15.48
N SER A 333 1.61 -12.95 -14.60
CA SER A 333 0.61 -12.65 -13.59
C SER A 333 1.20 -11.80 -12.47
N VAL A 334 2.49 -11.96 -12.17
CA VAL A 334 3.16 -11.04 -11.25
C VAL A 334 3.22 -9.65 -11.86
N ALA A 335 3.42 -9.58 -13.19
CA ALA A 335 3.39 -8.28 -13.85
C ALA A 335 2.02 -7.63 -13.74
N LEU A 336 0.96 -8.37 -14.03
CA LEU A 336 -0.39 -7.81 -13.92
C LEU A 336 -0.71 -7.44 -12.47
N SER A 337 -0.21 -8.23 -11.52
CA SER A 337 -0.38 -7.92 -10.12
C SER A 337 0.29 -6.61 -9.75
N CYS A 338 1.51 -6.37 -10.24
CA CYS A 338 2.16 -5.08 -9.98
C CYS A 338 1.45 -3.94 -10.71
N PHE A 339 0.84 -4.20 -11.86
CA PHE A 339 0.07 -3.15 -12.53
C PHE A 339 -1.12 -2.73 -11.67
N GLY A 340 -1.87 -3.70 -11.15
CA GLY A 340 -2.99 -3.39 -10.28
C GLY A 340 -2.55 -2.71 -9.00
N GLY A 341 -1.47 -3.20 -8.39
CA GLY A 341 -0.96 -2.58 -7.17
C GLY A 341 -0.47 -1.17 -7.40
N LEU A 342 0.14 -0.91 -8.56
CA LEU A 342 0.61 0.43 -8.87
C LEU A 342 -0.55 1.37 -9.13
N ASN A 343 -1.62 0.88 -9.76
CA ASN A 343 -2.79 1.74 -9.94
C ASN A 343 -3.41 2.09 -8.60
N ALA A 344 -3.52 1.11 -7.70
CA ALA A 344 -4.04 1.41 -6.36
C ALA A 344 -3.14 2.41 -5.64
N SER A 345 -1.82 2.23 -5.73
CA SER A 345 -0.90 3.16 -5.11
C SER A 345 -1.05 4.57 -5.69
N ILE A 346 -1.26 4.67 -6.99
CA ILE A 346 -1.39 5.98 -7.62
C ILE A 346 -2.67 6.67 -7.18
N VAL A 347 -3.78 5.94 -7.16
CA VAL A 347 -5.04 6.51 -6.70
C VAL A 347 -4.90 6.99 -5.25
N ALA A 348 -4.36 6.14 -4.38
CA ALA A 348 -4.25 6.48 -2.97
C ALA A 348 -3.33 7.69 -2.76
N ALA A 349 -2.16 7.70 -3.40
CA ALA A 349 -1.23 8.79 -3.21
C ALA A 349 -1.76 10.09 -3.79
N SER A 350 -2.42 10.04 -4.95
CA SER A 350 -2.98 11.25 -5.53
C SER A 350 -4.04 11.85 -4.62
N ARG A 351 -4.89 11.01 -4.01
CA ARG A 351 -5.90 11.56 -3.11
C ARG A 351 -5.29 12.03 -1.80
N LEU A 352 -4.21 11.39 -1.34
CA LEU A 352 -3.53 11.87 -0.15
C LEU A 352 -2.95 13.26 -0.37
N PHE A 353 -2.35 13.50 -1.54
CA PHE A 353 -1.80 14.83 -1.81
C PHE A 353 -2.89 15.84 -2.10
N PHE A 354 -3.99 15.40 -2.72
CA PHE A 354 -5.17 16.26 -2.86
C PHE A 354 -5.61 16.78 -1.50
N VAL A 355 -5.73 15.90 -0.51
CA VAL A 355 -6.18 16.33 0.81
C VAL A 355 -5.10 17.11 1.52
N GLY A 356 -3.84 16.77 1.29
CA GLY A 356 -2.76 17.55 1.88
C GLY A 356 -2.77 18.99 1.44
N SER A 357 -3.03 19.24 0.16
CA SER A 357 -3.14 20.61 -0.32
C SER A 357 -4.49 21.23 -0.07
N ARG A 358 -5.52 20.42 0.23
CA ARG A 358 -6.80 20.99 0.62
C ARG A 358 -6.70 21.71 1.95
N GLU A 359 -5.82 21.24 2.83
CA GLU A 359 -5.41 22.01 3.99
C GLU A 359 -4.30 22.96 3.57
N GLY A 360 -3.62 23.59 4.51
CA GLY A 360 -2.60 24.52 4.11
C GLY A 360 -1.25 23.93 3.81
N HIS A 361 -1.14 22.60 3.71
CA HIS A 361 0.17 21.96 3.69
C HIS A 361 0.84 21.99 2.32
N LEU A 362 0.26 21.41 1.38
CA LEU A 362 0.87 21.49 0.05
C LEU A 362 0.34 22.73 -0.68
N PRO A 363 0.98 23.16 -1.76
CA PRO A 363 0.47 24.34 -2.48
C PRO A 363 -0.93 24.10 -2.97
N ASP A 364 -1.78 25.12 -2.83
CA ASP A 364 -3.18 24.97 -3.16
C ASP A 364 -3.35 25.05 -4.68
N ALA A 365 -2.56 24.25 -5.37
CA ALA A 365 -2.67 24.05 -6.81
C ALA A 365 -2.68 22.55 -7.05
N ILE A 366 -2.69 21.80 -5.96
CA ILE A 366 -2.73 20.35 -6.00
C ILE A 366 -4.13 19.80 -5.80
N CYS A 367 -5.06 20.57 -5.22
CA CYS A 367 -6.42 20.06 -5.11
C CYS A 367 -7.05 20.06 -6.50
N MET A 368 -7.45 21.24 -6.95
CA MET A 368 -7.63 21.55 -8.37
C MET A 368 -8.23 20.38 -9.16
N ILE A 369 -9.49 20.07 -8.86
CA ILE A 369 -10.20 19.05 -9.62
C ILE A 369 -10.43 19.53 -11.04
N HIS A 370 -10.48 18.60 -11.99
CA HIS A 370 -10.71 18.95 -13.38
C HIS A 370 -12.13 19.46 -13.59
N VAL A 371 -12.26 20.48 -14.46
CA VAL A 371 -13.55 21.14 -14.64
C VAL A 371 -14.54 20.28 -15.40
N GLU A 372 -14.08 19.32 -16.19
CA GLU A 372 -14.95 18.50 -17.01
C GLU A 372 -14.79 17.01 -16.82
N ARG A 373 -13.69 16.56 -16.20
CA ARG A 373 -13.50 15.15 -15.87
C ARG A 373 -13.61 14.86 -14.38
N PHE A 374 -13.48 15.87 -13.52
CA PHE A 374 -13.60 15.73 -12.08
C PHE A 374 -12.57 14.75 -11.52
N THR A 375 -11.35 14.85 -12.02
CA THR A 375 -10.22 14.05 -11.57
C THR A 375 -9.11 14.98 -11.10
N PRO A 376 -8.43 14.66 -10.00
CA PRO A 376 -7.34 15.52 -9.53
C PRO A 376 -6.15 15.44 -10.46
N VAL A 377 -6.16 16.26 -11.51
CA VAL A 377 -5.09 16.24 -12.50
C VAL A 377 -3.78 16.74 -11.90
N PRO A 378 -3.72 17.89 -11.20
CA PRO A 378 -2.42 18.33 -10.68
C PRO A 378 -1.84 17.42 -9.63
N SER A 379 -2.68 16.82 -8.79
CA SER A 379 -2.17 15.90 -7.77
C SER A 379 -1.63 14.64 -8.42
N LEU A 380 -2.31 14.12 -9.43
CA LEU A 380 -1.84 12.94 -10.13
C LEU A 380 -0.57 13.23 -10.92
N LEU A 381 -0.49 14.39 -11.57
CA LEU A 381 0.72 14.76 -12.29
C LEU A 381 1.89 14.92 -11.34
N PHE A 382 1.67 15.58 -10.20
CA PHE A 382 2.74 15.77 -9.22
C PHE A 382 3.22 14.44 -8.67
N ASN A 383 2.27 13.54 -8.35
CA ASN A 383 2.64 12.22 -7.86
C ASN A 383 3.42 11.44 -8.91
N GLY A 384 2.99 11.49 -10.17
CA GLY A 384 3.69 10.77 -11.22
C GLY A 384 5.07 11.32 -11.48
N ILE A 385 5.22 12.65 -11.42
CA ILE A 385 6.53 13.26 -11.58
C ILE A 385 7.46 12.84 -10.44
N MET A 386 6.96 12.83 -9.21
CA MET A 386 7.80 12.42 -8.09
C MET A 386 8.13 10.94 -8.17
N ALA A 387 7.26 10.13 -8.76
CA ALA A 387 7.56 8.70 -8.90
C ALA A 387 8.53 8.43 -10.04
N LEU A 388 8.51 9.23 -11.10
CA LEU A 388 9.46 9.08 -12.19
C LEU A 388 10.84 9.61 -11.84
N ILE A 389 10.94 10.46 -10.83
CA ILE A 389 12.24 10.96 -10.40
C ILE A 389 13.03 9.88 -9.67
N TYR A 390 12.35 9.08 -8.84
CA TYR A 390 13.02 8.01 -8.12
C TYR A 390 13.42 6.85 -9.01
N LEU A 391 12.89 6.79 -10.24
CA LEU A 391 13.31 5.75 -11.17
C LEU A 391 14.76 5.93 -11.58
N CYS A 392 15.29 7.14 -11.46
CA CYS A 392 16.69 7.39 -11.77
C CYS A 392 17.63 6.90 -10.68
N VAL A 393 17.11 6.57 -9.50
CA VAL A 393 17.94 6.00 -8.44
C VAL A 393 18.24 4.54 -8.77
N GLU A 394 19.52 4.17 -8.70
CA GLU A 394 19.94 2.84 -9.12
C GLU A 394 19.40 1.78 -8.17
N ASP A 395 19.81 1.82 -6.90
CA ASP A 395 19.36 0.88 -5.90
C ASP A 395 18.28 1.57 -5.08
N ILE A 396 17.03 1.20 -5.33
CA ILE A 396 15.89 1.90 -4.77
C ILE A 396 15.17 1.10 -3.68
N PHE A 397 15.82 0.08 -3.11
CA PHE A 397 15.20 -0.68 -2.03
C PHE A 397 15.81 -0.33 -0.66
N GLN A 398 17.04 0.19 -0.65
CA GLN A 398 17.55 0.84 0.55
C GLN A 398 16.55 1.87 1.07
N LEU A 399 15.76 2.45 0.18
CA LEU A 399 14.78 3.44 0.62
C LEU A 399 13.61 2.77 1.35
N ILE A 400 13.23 1.56 0.92
CA ILE A 400 12.31 0.75 1.72
C ILE A 400 12.85 0.61 3.13
N ASN A 401 14.14 0.27 3.21
CA ASN A 401 14.78 0.18 4.53
C ASN A 401 14.77 1.51 5.26
N TYR A 402 14.71 2.63 4.55
CA TYR A 402 14.71 3.93 5.21
C TYR A 402 13.35 4.24 5.81
N TYR A 403 12.27 3.86 5.15
CA TYR A 403 10.95 4.33 5.56
C TYR A 403 10.07 3.28 6.23
N SER A 404 10.57 2.05 6.44
CA SER A 404 9.75 1.06 7.14
C SER A 404 9.26 1.54 8.50
N PHE A 405 10.19 2.01 9.34
CA PHE A 405 9.82 2.45 10.69
C PHE A 405 8.83 3.60 10.65
N SER A 406 9.07 4.59 9.78
CA SER A 406 8.19 5.75 9.73
C SER A 406 6.80 5.37 9.27
N TYR A 407 6.71 4.46 8.28
CA TYR A 407 5.42 3.97 7.84
C TYR A 407 4.61 3.41 9.00
N TRP A 408 5.21 2.44 9.71
CA TRP A 408 4.43 1.84 10.79
C TRP A 408 4.23 2.78 11.97
N PHE A 409 5.11 3.75 12.16
CA PHE A 409 4.88 4.76 13.18
C PHE A 409 3.66 5.59 12.86
N PHE A 410 3.49 5.97 11.59
CA PHE A 410 2.34 6.79 11.23
C PHE A 410 1.05 6.00 11.33
N VAL A 411 1.08 4.71 10.98
CA VAL A 411 -0.11 3.89 11.18
C VAL A 411 -0.45 3.80 12.66
N GLY A 412 0.55 3.54 13.51
CA GLY A 412 0.29 3.47 14.93
C GLY A 412 -0.17 4.78 15.53
N LEU A 413 0.32 5.90 15.00
CA LEU A 413 -0.12 7.20 15.48
C LEU A 413 -1.54 7.51 15.05
N SER A 414 -1.94 7.02 13.87
CA SER A 414 -3.34 7.10 13.47
C SER A 414 -4.24 6.34 14.44
N ILE A 415 -3.81 5.14 14.84
CA ILE A 415 -4.65 4.37 15.77
C ILE A 415 -4.64 4.98 17.17
N VAL A 416 -3.52 5.55 17.60
CA VAL A 416 -3.49 6.27 18.87
C VAL A 416 -4.41 7.48 18.81
N GLY A 417 -4.45 8.16 17.66
CA GLY A 417 -5.40 9.25 17.49
C GLY A 417 -6.84 8.78 17.54
N GLN A 418 -7.10 7.58 17.03
CA GLN A 418 -8.44 6.99 17.19
C GLN A 418 -8.77 6.80 18.66
N LEU A 419 -7.82 6.27 19.43
CA LEU A 419 -8.06 6.07 20.86
C LEU A 419 -8.29 7.40 21.57
N TYR A 420 -7.53 8.43 21.20
CA TYR A 420 -7.71 9.75 21.77
C TYR A 420 -9.09 10.29 21.46
N LEU A 421 -9.50 10.24 20.19
CA LEU A 421 -10.84 10.65 19.77
C LEU A 421 -11.93 9.81 20.41
N ARG A 422 -11.60 8.63 20.91
CA ARG A 422 -12.57 7.90 21.71
C ARG A 422 -12.62 8.44 23.14
N TRP A 423 -11.49 8.88 23.67
CA TRP A 423 -11.49 9.49 25.01
C TRP A 423 -12.01 10.92 24.95
N LYS A 424 -11.30 11.79 24.24
CA LYS A 424 -11.82 13.13 23.99
C LYS A 424 -12.88 13.06 22.89
N GLU A 425 -13.95 13.83 23.07
CA GLU A 425 -15.08 13.80 22.15
C GLU A 425 -15.67 12.39 22.06
N PRO A 426 -16.31 11.91 23.12
CA PRO A 426 -16.86 10.54 23.08
C PRO A 426 -18.16 10.42 22.30
N ASP A 427 -19.03 11.42 22.38
CA ASP A 427 -20.34 11.35 21.74
C ASP A 427 -20.33 11.88 20.31
N ARG A 428 -19.16 12.15 19.74
CA ARG A 428 -19.07 12.47 18.33
C ARG A 428 -19.67 11.34 17.51
N PRO A 429 -20.38 11.63 16.42
CA PRO A 429 -21.12 10.59 15.69
C PRO A 429 -20.20 9.51 15.17
N ARG A 430 -20.42 8.28 15.61
CA ARG A 430 -19.68 7.11 15.12
C ARG A 430 -20.66 6.10 14.57
N PRO A 431 -20.70 5.89 13.25
CA PRO A 431 -21.57 4.83 12.72
C PRO A 431 -21.10 3.44 13.11
N LEU A 432 -19.81 3.19 13.03
CA LEU A 432 -19.19 1.99 13.58
C LEU A 432 -18.45 2.39 14.85
N LYS A 433 -18.94 1.92 16.00
CA LYS A 433 -18.23 2.10 17.26
C LYS A 433 -17.82 0.72 17.72
N LEU A 434 -16.67 0.26 17.21
CA LEU A 434 -16.16 -1.04 17.58
C LEU A 434 -15.72 -1.01 19.04
N SER A 435 -15.41 -2.19 19.58
CA SER A 435 -14.89 -2.26 20.94
C SER A 435 -13.55 -1.56 21.01
N VAL A 436 -13.17 -1.15 22.22
CA VAL A 436 -11.88 -0.52 22.42
C VAL A 436 -10.77 -1.56 22.45
N PHE A 437 -11.11 -2.83 22.21
CA PHE A 437 -10.15 -3.91 22.19
C PHE A 437 -9.33 -3.96 20.92
N PHE A 438 -9.95 -3.71 19.75
CA PHE A 438 -9.20 -3.69 18.51
C PHE A 438 -8.22 -2.53 18.45
N PRO A 439 -8.59 -1.28 18.77
CA PRO A 439 -7.57 -0.22 18.81
C PRO A 439 -6.43 -0.52 19.75
N ILE A 440 -6.70 -1.07 20.93
CA ILE A 440 -5.63 -1.34 21.89
C ILE A 440 -4.72 -2.44 21.37
N VAL A 441 -5.30 -3.52 20.85
CA VAL A 441 -4.50 -4.64 20.39
C VAL A 441 -3.63 -4.22 19.20
N PHE A 442 -4.20 -3.51 18.23
CA PHE A 442 -3.33 -3.11 17.13
C PHE A 442 -2.41 -1.95 17.49
N CYS A 443 -2.71 -1.16 18.52
CA CYS A 443 -1.72 -0.22 19.01
C CYS A 443 -0.50 -0.94 19.55
N LEU A 444 -0.72 -2.02 20.33
CA LEU A 444 0.39 -2.83 20.77
C LEU A 444 1.12 -3.47 19.60
N CYS A 445 0.36 -3.97 18.61
CA CYS A 445 0.98 -4.66 17.48
C CYS A 445 1.82 -3.72 16.64
N THR A 446 1.37 -2.46 16.47
CA THR A 446 2.18 -1.50 15.72
C THR A 446 3.32 -0.96 16.57
N ILE A 447 3.18 -0.94 17.90
CA ILE A 447 4.31 -0.64 18.76
C ILE A 447 5.41 -1.68 18.56
N PHE A 448 5.02 -2.94 18.42
CA PHE A 448 5.98 -4.00 18.14
C PHE A 448 6.59 -3.83 16.75
N LEU A 449 5.74 -3.60 15.74
CA LEU A 449 6.20 -3.39 14.37
C LEU A 449 7.08 -2.16 14.21
N VAL A 450 7.03 -1.23 15.16
CA VAL A 450 7.89 -0.05 15.09
C VAL A 450 9.12 -0.23 15.95
N ALA A 451 9.04 -1.07 16.99
CA ALA A 451 10.18 -1.33 17.84
C ALA A 451 11.16 -2.29 17.20
N VAL A 452 10.69 -3.16 16.31
CA VAL A 452 11.60 -4.07 15.62
C VAL A 452 12.61 -3.31 14.73
N PRO A 453 12.19 -2.38 13.85
CA PRO A 453 13.19 -1.67 13.06
C PRO A 453 13.96 -0.63 13.84
N LEU A 454 13.56 -0.32 15.08
CA LEU A 454 14.32 0.63 15.87
C LEU A 454 15.43 -0.04 16.68
N TYR A 455 15.48 -1.36 16.71
CA TYR A 455 16.62 -2.08 17.28
C TYR A 455 17.30 -3.01 16.30
N SER A 456 16.67 -3.31 15.16
CA SER A 456 17.30 -4.17 14.17
C SER A 456 18.23 -3.37 13.25
N ASP A 457 17.70 -2.32 12.62
CA ASP A 457 18.45 -1.46 11.71
C ASP A 457 18.34 -0.01 12.13
N THR A 458 18.68 0.24 13.40
CA THR A 458 18.49 1.50 14.09
C THR A 458 19.01 2.73 13.34
N ILE A 459 19.89 2.52 12.35
CA ILE A 459 20.43 3.69 11.66
C ILE A 459 19.54 4.09 10.49
N ASN A 460 18.92 3.11 9.83
CA ASN A 460 17.99 3.43 8.76
C ASN A 460 16.72 4.09 9.30
N SER A 461 16.25 3.65 10.46
CA SER A 461 15.09 4.30 11.08
C SER A 461 15.43 5.74 11.47
N LEU A 462 16.64 5.98 11.97
CA LEU A 462 17.05 7.34 12.25
C LEU A 462 17.14 8.17 10.98
N ILE A 463 17.52 7.56 9.86
CA ILE A 463 17.56 8.30 8.60
C ILE A 463 16.14 8.62 8.13
N GLY A 464 15.18 7.72 8.38
CA GLY A 464 13.79 8.03 8.05
C GLY A 464 13.24 9.17 8.89
N ILE A 465 13.51 9.14 10.20
CA ILE A 465 13.17 10.26 11.07
C ILE A 465 13.80 11.54 10.55
N ALA A 466 15.04 11.44 10.04
CA ALA A 466 15.70 12.60 9.46
C ALA A 466 14.97 13.10 8.23
N ILE A 467 14.45 12.19 7.41
CA ILE A 467 13.66 12.60 6.24
C ILE A 467 12.46 13.43 6.68
N ALA A 468 11.68 12.90 7.62
CA ALA A 468 10.48 13.60 8.07
C ALA A 468 10.82 14.97 8.66
N LEU A 469 11.65 15.00 9.69
CA LEU A 469 11.99 16.29 10.28
C LEU A 469 12.96 17.11 9.45
N SER A 470 13.32 16.63 8.25
CA SER A 470 14.01 17.45 7.27
C SER A 470 13.03 18.13 6.33
N GLY A 471 11.86 17.54 6.17
CA GLY A 471 10.77 18.27 5.56
C GLY A 471 10.15 19.28 6.50
N LEU A 472 10.30 19.05 7.80
CA LEU A 472 9.77 19.97 8.82
C LEU A 472 10.08 21.45 8.58
N PRO A 473 11.26 21.88 8.11
CA PRO A 473 11.49 23.33 7.94
C PRO A 473 10.58 24.00 6.91
N PHE A 474 9.72 23.25 6.21
CA PHE A 474 8.72 23.89 5.37
C PHE A 474 7.47 24.24 6.17
N TYR A 475 7.35 23.72 7.39
CA TYR A 475 6.16 23.86 8.20
C TYR A 475 6.19 25.06 9.13
N PHE A 476 7.33 25.38 9.73
CA PHE A 476 7.39 26.45 10.71
C PHE A 476 7.62 27.81 10.09
N LEU A 477 7.84 27.90 8.79
CA LEU A 477 8.09 29.17 8.12
C LEU A 477 7.13 29.48 6.99
N ILE A 478 6.48 28.48 6.41
CA ILE A 478 5.54 28.71 5.30
C ILE A 478 4.13 28.36 5.74
N ILE A 479 3.96 27.18 6.33
CA ILE A 479 2.62 26.70 6.69
C ILE A 479 2.16 27.31 8.01
N ARG A 480 3.08 27.54 8.94
CA ARG A 480 2.70 28.11 10.23
C ARG A 480 2.41 29.60 10.11
N VAL A 481 3.07 30.29 9.21
CA VAL A 481 2.85 31.74 9.09
C VAL A 481 1.52 32.00 8.38
N PRO A 482 0.77 33.03 8.75
CA PRO A 482 -0.45 33.35 8.00
C PRO A 482 -0.14 33.70 6.56
N GLU A 483 -1.12 33.47 5.68
CA GLU A 483 -0.89 33.64 4.25
C GLU A 483 -0.68 35.10 3.89
N HIS A 484 -1.16 36.03 4.72
CA HIS A 484 -1.05 37.44 4.39
C HIS A 484 0.30 38.04 4.76
N LYS A 485 1.03 37.45 5.70
CA LYS A 485 2.32 38.02 6.08
C LYS A 485 3.50 37.23 5.50
N ARG A 486 3.24 36.09 4.85
CA ARG A 486 4.31 35.41 4.15
C ARG A 486 4.72 36.24 2.93
N PRO A 487 5.94 36.02 2.39
CA PRO A 487 6.48 36.93 1.36
C PRO A 487 5.52 37.24 0.22
N LEU A 488 5.38 38.54 -0.08
CA LEU A 488 4.48 38.95 -1.16
C LEU A 488 4.94 38.37 -2.50
N TYR A 489 6.24 38.40 -2.76
CA TYR A 489 6.75 37.95 -4.04
C TYR A 489 6.61 36.44 -4.20
N LEU A 490 6.78 35.69 -3.10
CA LEU A 490 6.60 34.24 -3.19
C LEU A 490 5.15 33.88 -3.47
N ARG A 491 4.21 34.57 -2.82
CA ARG A 491 2.81 34.35 -3.15
C ARG A 491 2.53 34.73 -4.60
N ARG A 492 3.15 35.80 -5.08
CA ARG A 492 2.99 36.17 -6.49
C ARG A 492 3.45 35.05 -7.42
N ILE A 493 4.64 34.50 -7.17
CA ILE A 493 5.17 33.45 -8.04
C ILE A 493 4.30 32.21 -7.97
N VAL A 494 3.90 31.80 -6.76
CA VAL A 494 3.11 30.58 -6.62
C VAL A 494 1.75 30.76 -7.27
N GLY A 495 1.14 31.93 -7.10
CA GLY A 495 -0.17 32.17 -7.70
C GLY A 495 -0.10 32.20 -9.21
N SER A 496 0.97 32.77 -9.76
CA SER A 496 1.12 32.79 -11.21
C SER A 496 1.34 31.38 -11.76
N ALA A 497 2.20 30.59 -11.10
CA ALA A 497 2.39 29.21 -11.50
C ALA A 497 1.10 28.41 -11.41
N THR A 498 0.32 28.66 -10.36
CA THR A 498 -0.97 27.98 -10.21
C THR A 498 -1.94 28.36 -11.32
N ARG A 499 -2.01 29.66 -11.63
CA ARG A 499 -2.88 30.12 -12.71
C ARG A 499 -2.39 29.65 -14.08
N TYR A 500 -1.13 29.24 -14.22
CA TYR A 500 -0.65 28.72 -15.49
C TYR A 500 -0.70 27.20 -15.60
N LEU A 501 -0.79 26.48 -14.48
CA LEU A 501 -1.18 25.08 -14.51
C LEU A 501 -2.65 24.91 -14.12
N GLN A 502 -3.45 25.95 -14.36
CA GLN A 502 -4.86 25.88 -14.04
C GLN A 502 -5.61 25.43 -15.26
N VAL A 503 -5.67 26.28 -16.28
CA VAL A 503 -6.31 25.89 -17.53
C VAL A 503 -5.53 24.76 -18.15
N LEU A 504 -4.22 24.74 -17.92
CA LEU A 504 -3.40 23.66 -18.44
C LEU A 504 -3.91 22.34 -17.92
N CYS A 505 -4.21 22.29 -16.63
CA CYS A 505 -4.77 21.08 -16.05
C CYS A 505 -6.28 21.13 -16.16
N MET A 506 -6.80 22.21 -16.73
CA MET A 506 -8.25 22.37 -16.85
C MET A 506 -8.85 22.07 -15.49
N SER A 507 -8.26 22.64 -14.45
CA SER A 507 -8.74 22.39 -13.10
C SER A 507 -9.08 23.67 -12.37
N VAL A 508 -10.27 23.73 -11.78
CA VAL A 508 -10.68 24.92 -11.04
C VAL A 508 -10.80 24.56 -9.57
N ALA A 509 -10.19 23.45 -9.17
CA ALA A 509 -10.26 23.02 -7.77
C ALA A 509 -11.70 22.71 -7.39
N ALA A 510 -12.09 23.06 -6.17
CA ALA A 510 -13.43 22.76 -5.70
C ALA A 510 -14.49 23.64 -6.35
N GLU A 511 -15.76 23.33 -6.12
CA GLU A 511 -16.85 24.13 -6.68
C GLU A 511 -16.77 24.20 -8.20
NA NA B . -1.22 -0.22 6.09
N LEU C . 1.43 -7.16 0.60
CA LEU C . 1.93 -6.23 -0.36
C LEU C . 3.06 -6.92 -1.13
O LEU C . 4.26 -6.77 -0.93
CB LEU C . 2.35 -4.92 0.32
CG LEU C . 1.53 -3.73 -0.19
CD1 LEU C . 0.25 -3.68 0.56
CD2 LEU C . 2.21 -2.36 -0.16
OXT LEU C . 2.74 -7.69 -2.01
#